data_1VEZ
#
_entry.id   1VEZ
#
_cell.length_a   81.521
_cell.length_b   81.521
_cell.length_c   201.557
_cell.angle_alpha   90.00
_cell.angle_beta   90.00
_cell.angle_gamma   90.00
#
_symmetry.space_group_name_H-M   'P 41 21 2'
#
loop_
_entity.id
_entity.type
_entity.pdbx_description
1 polymer 'Peptide deformylase'
2 non-polymer 'ZINC ION'
3 non-polymer 2-AMINO-2-HYDROXYMETHYL-PROPANE-1,3-DIOL
4 non-polymer 'FORMIC ACID'
5 water water
#
_entity_poly.entity_id   1
_entity_poly.type   'polypeptide(L)'
_entity_poly.pdbx_seq_one_letter_code
;SVRKILRMGDPILRKISEPVTEDEIQTKEFKKLIRDMFDTMRHAEGVGLAAPQIGILKQIVVVGSEDNERYPGTPDVPER
IILNPVITPLTKDTSGFWEGCLSVPGMRGYVERPNQIRMQWMDEKGNQFDETIDGYKAIVYQHECDHLQGILYVDRLKDT
KLFGFNETLDSSHNVLD
;
_entity_poly.pdbx_strand_id   A,B
#
loop_
_chem_comp.id
_chem_comp.type
_chem_comp.name
_chem_comp.formula
FMT non-polymer 'FORMIC ACID' 'C H2 O2'
TRS non-polymer 2-AMINO-2-HYDROXYMETHYL-PROPANE-1,3-DIOL 'C4 H12 N O3 1'
ZN non-polymer 'ZINC ION' 'Zn 2'
#
# COMPACT_ATOMS: atom_id res chain seq x y z
N SER A 1 9.27 -40.72 -23.30
CA SER A 1 10.20 -41.52 -24.15
C SER A 1 9.68 -42.94 -24.35
N VAL A 2 10.01 -43.52 -25.52
CA VAL A 2 9.59 -44.87 -25.84
C VAL A 2 10.52 -45.89 -25.15
N ARG A 3 9.91 -46.86 -24.49
CA ARG A 3 10.68 -47.90 -23.81
C ARG A 3 10.55 -49.17 -24.66
N LYS A 4 11.48 -50.10 -24.50
CA LYS A 4 11.44 -51.35 -25.25
C LYS A 4 10.33 -52.25 -24.69
N ILE A 5 9.57 -52.86 -25.59
CA ILE A 5 8.49 -53.76 -25.17
C ILE A 5 9.02 -55.19 -25.15
N LEU A 6 8.80 -55.88 -24.02
CA LEU A 6 9.26 -57.25 -23.85
C LEU A 6 8.38 -58.23 -24.64
N ARG A 7 9.03 -59.23 -25.25
CA ARG A 7 8.34 -60.24 -26.04
C ARG A 7 8.05 -61.50 -25.24
N MET A 8 7.03 -62.22 -25.66
CA MET A 8 6.68 -63.48 -25.02
C MET A 8 7.95 -64.30 -25.03
N GLY A 9 8.28 -64.90 -23.89
CA GLY A 9 9.50 -65.66 -23.77
C GLY A 9 10.29 -65.07 -22.63
N ASP A 10 10.16 -63.76 -22.43
CA ASP A 10 10.83 -63.07 -21.35
C ASP A 10 10.07 -63.48 -20.09
N PRO A 11 10.74 -64.10 -19.12
CA PRO A 11 10.04 -64.51 -17.89
C PRO A 11 9.36 -63.39 -17.11
N ILE A 12 9.75 -62.14 -17.35
CA ILE A 12 9.13 -61.02 -16.64
C ILE A 12 7.63 -60.99 -16.92
N LEU A 13 7.26 -61.25 -18.18
CA LEU A 13 5.86 -61.24 -18.59
C LEU A 13 5.00 -62.29 -17.90
N ARG A 14 5.63 -63.25 -17.21
CA ARG A 14 4.88 -64.28 -16.51
C ARG A 14 4.91 -64.11 -15.01
N LYS A 15 5.57 -63.05 -14.55
CA LYS A 15 5.65 -62.78 -13.11
C LYS A 15 4.45 -61.92 -12.69
N ILE A 16 4.17 -61.87 -11.41
CA ILE A 16 3.06 -61.10 -10.92
C ILE A 16 3.50 -59.67 -10.55
N SER A 17 2.66 -58.68 -10.86
CA SER A 17 2.98 -57.30 -10.56
C SER A 17 2.54 -56.83 -9.19
N GLU A 18 3.35 -55.96 -8.58
CA GLU A 18 3.06 -55.40 -7.25
C GLU A 18 2.13 -54.20 -7.40
N PRO A 19 1.24 -54.00 -6.42
CA PRO A 19 0.33 -52.85 -6.51
C PRO A 19 1.11 -51.54 -6.25
N VAL A 20 0.59 -50.44 -6.76
CA VAL A 20 1.25 -49.15 -6.57
C VAL A 20 0.63 -48.45 -5.37
N THR A 21 1.45 -47.70 -4.63
CA THR A 21 0.97 -46.99 -3.44
C THR A 21 0.57 -45.55 -3.74
N GLU A 22 -0.22 -44.97 -2.86
CA GLU A 22 -0.65 -43.59 -3.03
C GLU A 22 0.54 -42.64 -3.02
N ASP A 23 1.53 -42.93 -2.20
CA ASP A 23 2.72 -42.09 -2.15
C ASP A 23 3.43 -42.15 -3.50
N GLU A 24 3.54 -43.38 -4.00
CA GLU A 24 4.20 -43.65 -5.25
C GLU A 24 3.71 -42.82 -6.43
N ILE A 25 2.40 -42.76 -6.64
CA ILE A 25 1.84 -42.02 -7.75
C ILE A 25 2.13 -40.52 -7.76
N GLN A 26 2.77 -40.04 -6.71
CA GLN A 26 3.11 -38.62 -6.61
C GLN A 26 4.55 -38.36 -7.01
N THR A 27 5.36 -39.40 -7.07
CA THR A 27 6.76 -39.26 -7.44
C THR A 27 6.95 -38.91 -8.91
N LYS A 28 8.09 -38.29 -9.23
CA LYS A 28 8.41 -37.91 -10.59
C LYS A 28 8.68 -39.17 -11.41
N GLU A 29 9.29 -40.16 -10.78
CA GLU A 29 9.60 -41.40 -11.46
C GLU A 29 8.32 -42.05 -11.97
N PHE A 30 7.28 -42.04 -11.15
CA PHE A 30 6.00 -42.62 -11.55
C PHE A 30 5.42 -41.85 -12.73
N LYS A 31 5.47 -40.53 -12.65
CA LYS A 31 4.95 -39.66 -13.70
C LYS A 31 5.71 -39.90 -14.99
N LYS A 32 7.02 -40.06 -14.87
CA LYS A 32 7.85 -40.30 -16.04
C LYS A 32 7.51 -41.64 -16.67
N LEU A 33 7.22 -42.64 -15.83
CA LEU A 33 6.86 -43.95 -16.32
C LEU A 33 5.57 -43.88 -17.12
N ILE A 34 4.54 -43.26 -16.55
CA ILE A 34 3.25 -43.12 -17.22
C ILE A 34 3.43 -42.43 -18.58
N ARG A 35 4.28 -41.40 -18.61
CA ARG A 35 4.55 -40.68 -19.84
C ARG A 35 5.16 -41.62 -20.87
N ASP A 36 6.17 -42.37 -20.44
CA ASP A 36 6.84 -43.32 -21.33
C ASP A 36 5.89 -44.41 -21.80
N MET A 37 5.05 -44.90 -20.91
CA MET A 37 4.11 -45.93 -21.28
C MET A 37 3.17 -45.42 -22.38
N PHE A 38 2.70 -44.19 -22.25
CA PHE A 38 1.83 -43.62 -23.26
C PHE A 38 2.59 -43.44 -24.57
N ASP A 39 3.84 -43.00 -24.47
CA ASP A 39 4.64 -42.82 -25.68
C ASP A 39 4.81 -44.19 -26.33
N THR A 40 5.20 -45.16 -25.52
CA THR A 40 5.43 -46.52 -25.98
C THR A 40 4.19 -47.11 -26.63
N MET A 41 3.06 -47.03 -25.93
CA MET A 41 1.82 -47.57 -26.45
C MET A 41 1.39 -46.92 -27.77
N ARG A 42 1.48 -45.60 -27.83
CA ARG A 42 1.09 -44.85 -29.03
C ARG A 42 1.98 -45.18 -30.21
N HIS A 43 3.29 -45.21 -29.97
CA HIS A 43 4.24 -45.50 -31.03
C HIS A 43 4.03 -46.91 -31.61
N ALA A 44 3.64 -47.84 -30.76
CA ALA A 44 3.41 -49.22 -31.17
C ALA A 44 1.98 -49.42 -31.68
N GLU A 45 1.22 -48.34 -31.76
CA GLU A 45 -0.16 -48.40 -32.22
C GLU A 45 -0.97 -49.35 -31.34
N GLY A 46 -0.67 -49.34 -30.05
CA GLY A 46 -1.38 -50.19 -29.12
C GLY A 46 -2.63 -49.53 -28.58
N VAL A 47 -3.52 -50.32 -27.99
CA VAL A 47 -4.75 -49.81 -27.42
C VAL A 47 -4.62 -49.87 -25.89
N GLY A 48 -3.59 -50.55 -25.43
CA GLY A 48 -3.35 -50.69 -24.01
C GLY A 48 -1.92 -51.14 -23.81
N LEU A 49 -1.39 -50.97 -22.61
CA LEU A 49 -0.03 -51.37 -22.30
C LEU A 49 0.12 -51.52 -20.79
N ALA A 50 0.70 -52.62 -20.35
CA ALA A 50 0.89 -52.84 -18.93
C ALA A 50 2.35 -52.68 -18.58
N ALA A 51 2.62 -52.16 -17.39
CA ALA A 51 3.98 -51.92 -16.94
C ALA A 51 4.90 -53.12 -17.17
N PRO A 52 4.44 -54.34 -16.84
CA PRO A 52 5.27 -55.53 -17.05
C PRO A 52 5.83 -55.58 -18.46
N GLN A 53 5.02 -55.20 -19.44
CA GLN A 53 5.44 -55.23 -20.82
C GLN A 53 6.67 -54.39 -21.07
N ILE A 54 6.95 -53.44 -20.19
CA ILE A 54 8.16 -52.65 -20.39
C ILE A 54 9.17 -52.90 -19.27
N GLY A 55 8.98 -54.03 -18.58
CA GLY A 55 9.90 -54.41 -17.53
C GLY A 55 9.63 -53.99 -16.09
N ILE A 56 8.47 -53.41 -15.83
CA ILE A 56 8.14 -52.97 -14.47
C ILE A 56 7.02 -53.79 -13.88
N LEU A 57 7.32 -54.53 -12.82
CA LEU A 57 6.31 -55.37 -12.19
C LEU A 57 5.42 -54.60 -11.21
N LYS A 58 4.67 -53.64 -11.75
CA LYS A 58 3.76 -52.85 -10.93
C LYS A 58 2.41 -52.85 -11.63
N GLN A 59 1.34 -52.84 -10.84
CA GLN A 59 0.00 -52.87 -11.39
C GLN A 59 -0.41 -51.52 -11.99
N ILE A 60 0.27 -51.19 -13.07
CA ILE A 60 0.05 -49.95 -13.80
C ILE A 60 -0.34 -50.25 -15.24
N VAL A 61 -1.47 -49.70 -15.67
CA VAL A 61 -1.97 -49.90 -17.02
C VAL A 61 -2.41 -48.58 -17.64
N VAL A 62 -2.18 -48.43 -18.94
CA VAL A 62 -2.60 -47.26 -19.69
C VAL A 62 -3.36 -47.77 -20.91
N VAL A 63 -4.45 -47.09 -21.25
CA VAL A 63 -5.26 -47.44 -22.41
C VAL A 63 -5.50 -46.17 -23.21
N GLY A 64 -5.94 -46.32 -24.45
CA GLY A 64 -6.18 -45.16 -25.29
C GLY A 64 -6.08 -45.49 -26.76
N SER A 65 -7.12 -45.13 -27.50
CA SER A 65 -7.19 -45.44 -28.94
C SER A 65 -7.09 -44.31 -29.94
N GLU A 66 -8.21 -44.07 -30.63
CA GLU A 66 -8.32 -43.07 -31.68
C GLU A 66 -7.85 -43.65 -33.03
N ASP A 67 -8.81 -44.19 -33.77
CA ASP A 67 -8.59 -44.78 -35.09
C ASP A 67 -7.41 -45.76 -35.08
N ASN A 68 -7.49 -46.74 -34.18
CA ASN A 68 -6.43 -47.72 -34.08
C ASN A 68 -6.31 -48.49 -35.40
N GLU A 69 -5.09 -48.56 -35.92
CA GLU A 69 -4.85 -49.27 -37.17
C GLU A 69 -4.54 -50.75 -37.00
N ARG A 70 -4.17 -51.16 -35.79
CA ARG A 70 -3.88 -52.55 -35.54
C ARG A 70 -5.17 -53.34 -35.33
N TYR A 71 -6.21 -52.68 -34.84
CA TYR A 71 -7.50 -53.32 -34.62
C TYR A 71 -8.60 -52.55 -35.34
N PRO A 72 -8.57 -52.59 -36.68
CA PRO A 72 -9.46 -51.96 -37.68
C PRO A 72 -10.87 -51.50 -37.32
N GLY A 73 -11.77 -52.42 -37.01
CA GLY A 73 -13.13 -51.98 -36.72
C GLY A 73 -13.55 -51.80 -35.27
N THR A 74 -12.63 -51.35 -34.42
CA THR A 74 -12.96 -51.18 -33.01
C THR A 74 -13.21 -49.74 -32.59
N PRO A 75 -14.08 -49.55 -31.59
CA PRO A 75 -14.41 -48.21 -31.09
C PRO A 75 -13.20 -47.62 -30.37
N ASP A 76 -13.05 -46.31 -30.42
CA ASP A 76 -11.95 -45.66 -29.72
C ASP A 76 -12.07 -45.92 -28.22
N VAL A 77 -10.94 -45.90 -27.54
CA VAL A 77 -10.92 -46.11 -26.10
C VAL A 77 -10.32 -44.84 -25.52
N PRO A 78 -11.08 -44.14 -24.67
CA PRO A 78 -10.54 -42.91 -24.09
C PRO A 78 -9.33 -43.19 -23.21
N GLU A 79 -8.35 -42.31 -23.27
CA GLU A 79 -7.15 -42.47 -22.47
C GLU A 79 -7.44 -42.46 -20.97
N ARG A 80 -6.88 -43.43 -20.28
CA ARG A 80 -7.05 -43.55 -18.84
C ARG A 80 -5.84 -44.23 -18.26
N ILE A 81 -5.67 -44.06 -16.95
CA ILE A 81 -4.59 -44.66 -16.22
C ILE A 81 -5.30 -45.56 -15.23
N ILE A 82 -5.04 -46.85 -15.33
CA ILE A 82 -5.67 -47.84 -14.47
C ILE A 82 -4.64 -48.46 -13.55
N LEU A 83 -4.80 -48.22 -12.25
CA LEU A 83 -3.88 -48.73 -11.26
C LEU A 83 -4.53 -49.75 -10.34
N ASN A 84 -3.75 -50.74 -9.92
CA ASN A 84 -4.23 -51.78 -9.02
C ASN A 84 -5.62 -52.29 -9.41
N PRO A 85 -5.87 -52.54 -10.70
CA PRO A 85 -7.19 -53.02 -11.11
C PRO A 85 -7.55 -54.42 -10.64
N VAL A 86 -8.83 -54.65 -10.41
CA VAL A 86 -9.35 -55.94 -9.99
C VAL A 86 -10.62 -56.16 -10.78
N ILE A 87 -10.61 -57.20 -11.62
CA ILE A 87 -11.76 -57.50 -12.46
C ILE A 87 -12.52 -58.75 -12.02
N THR A 88 -13.84 -58.67 -12.07
CA THR A 88 -14.70 -59.77 -11.73
C THR A 88 -15.74 -59.89 -12.82
N PRO A 89 -15.78 -61.04 -13.52
CA PRO A 89 -16.75 -61.24 -14.60
C PRO A 89 -18.17 -61.16 -14.04
N LEU A 90 -19.06 -60.50 -14.77
CA LEU A 90 -20.44 -60.38 -14.35
C LEU A 90 -21.33 -61.28 -15.18
N THR A 91 -20.73 -61.93 -16.18
CA THR A 91 -21.49 -62.81 -17.08
C THR A 91 -20.68 -63.96 -17.65
N LYS A 92 -21.40 -64.98 -18.13
CA LYS A 92 -20.77 -66.14 -18.76
C LYS A 92 -20.78 -65.87 -20.27
N ASP A 93 -21.51 -64.84 -20.69
CA ASP A 93 -21.57 -64.48 -22.09
C ASP A 93 -20.22 -63.94 -22.53
N THR A 94 -19.82 -64.27 -23.75
CA THR A 94 -18.56 -63.82 -24.28
C THR A 94 -18.75 -63.27 -25.69
N SER A 95 -17.84 -62.40 -26.11
CA SER A 95 -17.87 -61.83 -27.44
C SER A 95 -16.51 -62.12 -28.03
N GLY A 96 -16.39 -63.26 -28.73
CA GLY A 96 -15.11 -63.64 -29.30
C GLY A 96 -14.42 -62.50 -30.03
N PHE A 97 -13.10 -62.48 -29.95
CA PHE A 97 -12.34 -61.42 -30.61
C PHE A 97 -10.93 -61.92 -30.96
N TRP A 98 -10.43 -61.51 -32.11
CA TRP A 98 -9.08 -61.92 -32.50
C TRP A 98 -8.09 -60.96 -31.88
N GLU A 99 -7.64 -61.31 -30.68
CA GLU A 99 -6.70 -60.47 -29.95
C GLU A 99 -5.26 -60.50 -30.44
N GLY A 100 -4.56 -59.41 -30.14
CA GLY A 100 -3.17 -59.27 -30.47
C GLY A 100 -2.54 -58.75 -29.19
N CYS A 101 -1.23 -58.61 -29.18
CA CYS A 101 -0.55 -58.12 -27.99
C CYS A 101 0.79 -57.58 -28.40
N LEU A 102 1.15 -56.41 -27.88
CA LEU A 102 2.42 -55.81 -28.23
C LEU A 102 3.58 -56.71 -27.85
N SER A 103 3.35 -57.63 -26.91
CA SER A 103 4.38 -58.57 -26.50
C SER A 103 4.41 -59.86 -27.32
N VAL A 104 3.47 -59.99 -28.26
CA VAL A 104 3.39 -61.16 -29.13
C VAL A 104 3.22 -60.57 -30.54
N PRO A 105 4.23 -59.84 -31.01
CA PRO A 105 4.22 -59.20 -32.33
C PRO A 105 3.98 -60.10 -33.52
N GLY A 106 3.18 -59.59 -34.47
CA GLY A 106 2.88 -60.30 -35.69
C GLY A 106 1.82 -61.38 -35.64
N MET A 107 1.13 -61.51 -34.51
CA MET A 107 0.13 -62.57 -34.41
C MET A 107 -1.23 -62.13 -33.88
N ARG A 108 -2.21 -62.99 -34.06
CA ARG A 108 -3.57 -62.77 -33.58
C ARG A 108 -4.12 -64.12 -33.19
N GLY A 109 -4.92 -64.14 -32.13
CA GLY A 109 -5.52 -65.37 -31.66
C GLY A 109 -6.92 -65.09 -31.19
N TYR A 110 -7.84 -66.01 -31.48
CA TYR A 110 -9.23 -65.87 -31.09
C TYR A 110 -9.38 -66.14 -29.60
N VAL A 111 -9.94 -65.16 -28.89
CA VAL A 111 -10.15 -65.28 -27.45
C VAL A 111 -11.57 -64.90 -27.09
N GLU A 112 -12.17 -65.69 -26.21
CA GLU A 112 -13.52 -65.40 -25.75
C GLU A 112 -13.46 -65.05 -24.26
N ARG A 113 -13.74 -63.79 -23.95
CA ARG A 113 -13.74 -63.32 -22.58
C ARG A 113 -15.14 -62.84 -22.21
N PRO A 114 -15.47 -62.82 -20.91
CA PRO A 114 -16.79 -62.34 -20.49
C PRO A 114 -16.98 -60.95 -21.10
N ASN A 115 -18.15 -60.64 -21.64
CA ASN A 115 -18.35 -59.33 -22.25
C ASN A 115 -18.88 -58.26 -21.29
N GLN A 116 -19.06 -58.65 -20.03
CA GLN A 116 -19.52 -57.71 -19.01
C GLN A 116 -18.75 -58.01 -17.73
N ILE A 117 -18.03 -57.02 -17.23
CA ILE A 117 -17.21 -57.18 -16.04
C ILE A 117 -17.34 -56.04 -15.05
N ARG A 118 -16.87 -56.29 -13.85
CA ARG A 118 -16.83 -55.25 -12.84
C ARG A 118 -15.35 -54.97 -12.66
N MET A 119 -14.97 -53.71 -12.70
CA MET A 119 -13.58 -53.38 -12.49
C MET A 119 -13.42 -52.33 -11.39
N GLN A 120 -12.56 -52.65 -10.43
CA GLN A 120 -12.26 -51.74 -9.34
C GLN A 120 -10.85 -51.25 -9.64
N TRP A 121 -10.63 -49.96 -9.59
CA TRP A 121 -9.29 -49.45 -9.85
C TRP A 121 -9.08 -48.06 -9.28
N MET A 122 -7.84 -47.59 -9.43
CA MET A 122 -7.47 -46.28 -8.93
C MET A 122 -6.76 -45.56 -10.06
N ASP A 123 -7.02 -44.26 -10.22
CA ASP A 123 -6.34 -43.52 -11.29
C ASP A 123 -5.09 -42.82 -10.78
N GLU A 124 -4.47 -42.04 -11.65
CA GLU A 124 -3.23 -41.34 -11.31
C GLU A 124 -3.39 -40.31 -10.21
N LYS A 125 -4.62 -39.94 -9.89
CA LYS A 125 -4.87 -38.97 -8.83
C LYS A 125 -5.25 -39.65 -7.52
N GLY A 126 -5.28 -40.97 -7.53
CA GLY A 126 -5.62 -41.69 -6.31
C GLY A 126 -7.11 -41.87 -6.13
N ASN A 127 -7.88 -41.57 -7.17
CA ASN A 127 -9.34 -41.73 -7.09
C ASN A 127 -9.68 -43.21 -7.29
N GLN A 128 -10.66 -43.69 -6.54
CA GLN A 128 -11.09 -45.08 -6.61
C GLN A 128 -12.35 -45.25 -7.44
N PHE A 129 -12.36 -46.23 -8.32
CA PHE A 129 -13.53 -46.49 -9.16
C PHE A 129 -13.99 -47.93 -9.01
N ASP A 130 -15.27 -48.16 -9.27
CA ASP A 130 -15.86 -49.47 -9.17
C ASP A 130 -17.01 -49.44 -10.17
N GLU A 131 -16.69 -49.74 -11.42
CA GLU A 131 -17.69 -49.70 -12.49
C GLU A 131 -17.92 -50.98 -13.26
N THR A 132 -19.06 -51.02 -13.93
CA THR A 132 -19.42 -52.14 -14.78
C THR A 132 -18.90 -51.73 -16.14
N ILE A 133 -18.20 -52.64 -16.81
CA ILE A 133 -17.64 -52.36 -18.11
C ILE A 133 -18.01 -53.46 -19.09
N ASP A 134 -18.29 -53.08 -20.33
CA ASP A 134 -18.65 -54.07 -21.33
C ASP A 134 -18.07 -53.70 -22.69
N GLY A 135 -18.47 -54.43 -23.72
CA GLY A 135 -17.99 -54.14 -25.06
C GLY A 135 -16.49 -54.34 -25.23
N TYR A 136 -15.95 -53.65 -26.23
CA TYR A 136 -14.54 -53.73 -26.55
C TYR A 136 -13.66 -53.36 -25.35
N LYS A 137 -14.05 -52.31 -24.66
CA LYS A 137 -13.32 -51.85 -23.50
C LYS A 137 -13.12 -52.97 -22.48
N ALA A 138 -14.16 -53.78 -22.27
CA ALA A 138 -14.07 -54.88 -21.32
C ALA A 138 -13.02 -55.91 -21.77
N ILE A 139 -12.87 -56.08 -23.07
CA ILE A 139 -11.89 -57.00 -23.59
C ILE A 139 -10.51 -56.43 -23.32
N VAL A 140 -10.31 -55.16 -23.66
CA VAL A 140 -9.04 -54.51 -23.44
C VAL A 140 -8.59 -54.54 -21.98
N TYR A 141 -9.50 -54.25 -21.07
CA TYR A 141 -9.16 -54.25 -19.65
C TYR A 141 -8.77 -55.63 -19.14
N GLN A 142 -9.53 -56.65 -19.53
CA GLN A 142 -9.20 -57.99 -19.07
C GLN A 142 -7.82 -58.36 -19.63
N HIS A 143 -7.59 -58.02 -20.90
CA HIS A 143 -6.31 -58.31 -21.53
C HIS A 143 -5.18 -57.62 -20.76
N GLU A 144 -5.32 -56.32 -20.51
CA GLU A 144 -4.30 -55.57 -19.79
C GLU A 144 -4.09 -56.04 -18.37
N CYS A 145 -5.17 -56.36 -17.68
CA CYS A 145 -5.05 -56.81 -16.30
C CYS A 145 -4.40 -58.18 -16.24
N ASP A 146 -4.62 -59.00 -17.27
CA ASP A 146 -4.01 -60.33 -17.31
C ASP A 146 -2.49 -60.14 -17.23
N HIS A 147 -1.97 -59.13 -17.92
CA HIS A 147 -0.55 -58.86 -17.90
C HIS A 147 -0.01 -58.70 -16.47
N LEU A 148 -0.83 -58.11 -15.61
CA LEU A 148 -0.42 -57.88 -14.22
C LEU A 148 -0.38 -59.17 -13.42
N GLN A 149 -1.03 -60.20 -13.96
CA GLN A 149 -1.06 -61.51 -13.32
C GLN A 149 -0.12 -62.48 -14.06
N GLY A 150 0.72 -61.93 -14.93
CA GLY A 150 1.64 -62.76 -15.69
C GLY A 150 0.94 -63.63 -16.72
N ILE A 151 -0.21 -63.16 -17.19
CA ILE A 151 -0.99 -63.89 -18.17
C ILE A 151 -1.01 -63.21 -19.53
N LEU A 152 -0.79 -64.00 -20.59
CA LEU A 152 -0.79 -63.50 -21.97
C LEU A 152 -2.00 -64.12 -22.66
N TYR A 153 -2.50 -63.47 -23.70
CA TYR A 153 -3.68 -63.98 -24.37
C TYR A 153 -3.50 -65.38 -24.98
N VAL A 154 -2.26 -65.76 -25.25
CA VAL A 154 -2.02 -67.09 -25.81
C VAL A 154 -2.42 -68.14 -24.78
N ASP A 155 -2.46 -67.76 -23.50
CA ASP A 155 -2.86 -68.69 -22.45
C ASP A 155 -4.37 -68.87 -22.44
N ARG A 156 -5.09 -68.01 -23.15
CA ARG A 156 -6.55 -68.09 -23.17
C ARG A 156 -7.13 -68.38 -24.54
N LEU A 157 -6.30 -68.84 -25.47
CA LEU A 157 -6.77 -69.15 -26.80
C LEU A 157 -7.91 -70.14 -26.74
N LYS A 158 -8.96 -69.88 -27.50
CA LYS A 158 -10.08 -70.78 -27.52
C LYS A 158 -9.66 -72.09 -28.20
N ASP A 159 -8.81 -71.96 -29.22
CA ASP A 159 -8.35 -73.09 -30.00
C ASP A 159 -7.05 -72.73 -30.70
N THR A 160 -6.00 -73.52 -30.48
CA THR A 160 -4.72 -73.23 -31.11
C THR A 160 -4.82 -73.17 -32.64
N LYS A 161 -5.90 -73.70 -33.19
CA LYS A 161 -6.10 -73.65 -34.65
C LYS A 161 -6.52 -72.23 -35.04
N LEU A 162 -7.12 -71.50 -34.11
CA LEU A 162 -7.55 -70.13 -34.37
C LEU A 162 -6.46 -69.24 -33.79
N PHE A 163 -5.28 -69.32 -34.40
CA PHE A 163 -4.12 -68.58 -33.96
C PHE A 163 -3.15 -68.56 -35.13
N GLY A 164 -2.51 -67.42 -35.38
CA GLY A 164 -1.58 -67.35 -36.48
C GLY A 164 -0.94 -66.00 -36.71
N PHE A 165 -0.19 -65.90 -37.80
CA PHE A 165 0.48 -64.65 -38.15
C PHE A 165 -0.46 -63.76 -38.95
N ASN A 166 -0.44 -62.47 -38.60
CA ASN A 166 -1.27 -61.43 -39.22
C ASN A 166 -1.47 -61.50 -40.72
N GLU A 167 -0.38 -61.31 -41.46
CA GLU A 167 -0.44 -61.31 -42.92
C GLU A 167 -1.10 -62.56 -43.50
N THR A 168 -0.98 -63.68 -42.80
CA THR A 168 -1.56 -64.94 -43.27
C THR A 168 -3.04 -64.99 -42.90
N LEU A 169 -3.37 -64.58 -41.69
CA LEU A 169 -4.77 -64.59 -41.26
C LEU A 169 -5.56 -63.62 -42.13
N ASP A 170 -4.94 -62.48 -42.44
CA ASP A 170 -5.58 -61.46 -43.27
C ASP A 170 -5.90 -61.99 -44.67
N SER A 171 -5.00 -62.79 -45.22
CA SER A 171 -5.19 -63.37 -46.55
C SER A 171 -6.05 -64.63 -46.54
N SER A 172 -6.61 -64.95 -45.37
CA SER A 172 -7.44 -66.15 -45.22
C SER A 172 -8.68 -65.88 -44.37
N SER B 1 11.03 71.70 18.17
CA SER B 1 12.45 71.25 18.18
C SER B 1 12.56 69.76 18.51
N VAL B 2 13.57 69.11 17.94
CA VAL B 2 13.81 67.69 18.17
C VAL B 2 14.53 67.48 19.50
N ARG B 3 14.00 66.59 20.32
CA ARG B 3 14.61 66.30 21.61
C ARG B 3 15.30 64.94 21.48
N LYS B 4 16.28 64.68 22.35
CA LYS B 4 16.98 63.41 22.31
C LYS B 4 16.07 62.29 22.84
N ILE B 5 16.06 61.15 22.14
CA ILE B 5 15.25 60.00 22.57
C ILE B 5 16.11 59.08 23.43
N LEU B 6 15.60 58.73 24.61
CA LEU B 6 16.32 57.88 25.54
C LEU B 6 16.29 56.42 25.08
N ARG B 7 17.40 55.72 25.27
CA ARG B 7 17.52 54.32 24.86
C ARG B 7 17.27 53.37 26.02
N MET B 8 16.84 52.16 25.68
CA MET B 8 16.62 51.13 26.70
C MET B 8 17.93 51.05 27.47
N GLY B 9 17.82 51.05 28.79
CA GLY B 9 19.00 51.02 29.64
C GLY B 9 18.91 52.22 30.56
N ASP B 10 18.32 53.30 30.05
CA ASP B 10 18.13 54.50 30.85
C ASP B 10 17.00 54.18 31.82
N PRO B 11 17.26 54.26 33.14
CA PRO B 11 16.22 53.95 34.12
C PRO B 11 14.93 54.77 34.02
N ILE B 12 14.99 55.92 33.35
CA ILE B 12 13.81 56.76 33.21
C ILE B 12 12.72 55.97 32.48
N LEU B 13 13.11 55.23 31.45
CA LEU B 13 12.17 54.44 30.67
C LEU B 13 11.44 53.38 31.46
N ARG B 14 11.90 53.08 32.67
CA ARG B 14 11.25 52.07 33.49
C ARG B 14 10.48 52.66 34.66
N LYS B 15 10.49 53.98 34.76
CA LYS B 15 9.76 54.67 35.82
C LYS B 15 8.33 54.93 35.38
N ILE B 16 7.45 55.20 36.33
CA ILE B 16 6.05 55.46 36.00
C ILE B 16 5.80 56.95 35.77
N SER B 17 4.96 57.27 34.79
CA SER B 17 4.66 58.67 34.47
C SER B 17 3.47 59.24 35.25
N GLU B 18 3.57 60.52 35.60
CA GLU B 18 2.53 61.23 36.34
C GLU B 18 1.49 61.74 35.37
N PRO B 19 0.23 61.77 35.79
CA PRO B 19 -0.82 62.25 34.89
C PRO B 19 -0.70 63.77 34.73
N VAL B 20 -1.21 64.30 33.62
CA VAL B 20 -1.16 65.75 33.38
C VAL B 20 -2.47 66.38 33.84
N THR B 21 -2.38 67.59 34.36
CA THR B 21 -3.57 68.29 34.85
C THR B 21 -4.18 69.20 33.79
N GLU B 22 -5.44 69.57 34.00
CA GLU B 22 -6.14 70.45 33.07
C GLU B 22 -5.46 71.81 33.01
N ASP B 23 -4.95 72.29 34.14
CA ASP B 23 -4.27 73.58 34.17
C ASP B 23 -3.01 73.47 33.31
N GLU B 24 -2.29 72.37 33.52
CA GLU B 24 -1.06 72.08 32.82
C GLU B 24 -1.13 72.21 31.30
N ILE B 25 -2.12 71.58 30.69
CA ILE B 25 -2.25 71.59 29.24
C ILE B 25 -2.46 72.97 28.62
N GLN B 26 -2.62 73.98 29.47
CA GLN B 26 -2.81 75.35 28.98
C GLN B 26 -1.51 76.15 29.00
N THR B 27 -0.50 75.65 29.69
CA THR B 27 0.78 76.33 29.77
C THR B 27 1.55 76.29 28.46
N LYS B 28 2.44 77.25 28.26
CA LYS B 28 3.24 77.33 27.05
C LYS B 28 4.25 76.17 27.05
N GLU B 29 4.76 75.84 28.24
CA GLU B 29 5.72 74.75 28.36
C GLU B 29 5.12 73.45 27.83
N PHE B 30 3.86 73.20 28.17
CA PHE B 30 3.17 72.00 27.71
C PHE B 30 3.02 72.00 26.19
N LYS B 31 2.60 73.14 25.63
CA LYS B 31 2.42 73.23 24.19
C LYS B 31 3.75 73.08 23.47
N LYS B 32 4.80 73.63 24.09
CA LYS B 32 6.13 73.55 23.54
C LYS B 32 6.52 72.06 23.50
N LEU B 33 6.29 71.37 24.61
CA LEU B 33 6.60 69.95 24.71
C LEU B 33 5.92 69.17 23.59
N ILE B 34 4.60 69.34 23.46
CA ILE B 34 3.85 68.64 22.43
C ILE B 34 4.46 68.92 21.05
N ARG B 35 4.84 70.16 20.82
CA ARG B 35 5.44 70.54 19.56
C ARG B 35 6.75 69.78 19.34
N ASP B 36 7.59 69.76 20.36
CA ASP B 36 8.86 69.06 20.28
C ASP B 36 8.65 67.56 20.07
N MET B 37 7.69 66.99 20.80
CA MET B 37 7.40 65.58 20.66
C MET B 37 7.03 65.23 19.23
N PHE B 38 6.18 66.07 18.61
CA PHE B 38 5.81 65.81 17.24
C PHE B 38 7.02 65.98 16.33
N ASP B 39 7.86 66.97 16.61
CA ASP B 39 9.06 67.17 15.79
C ASP B 39 9.94 65.94 15.94
N THR B 40 10.17 65.57 17.19
CA THR B 40 11.00 64.42 17.51
C THR B 40 10.47 63.15 16.84
N MET B 41 9.18 62.88 17.00
CA MET B 41 8.59 61.68 16.42
C MET B 41 8.69 61.63 14.90
N ARG B 42 8.39 62.75 14.26
CA ARG B 42 8.45 62.84 12.80
C ARG B 42 9.86 62.66 12.27
N HIS B 43 10.80 63.33 12.90
CA HIS B 43 12.20 63.25 12.48
C HIS B 43 12.73 61.83 12.58
N ALA B 44 12.29 61.10 13.61
CA ALA B 44 12.73 59.73 13.83
C ALA B 44 11.88 58.74 13.05
N GLU B 45 10.97 59.26 12.22
CA GLU B 45 10.09 58.41 11.42
C GLU B 45 9.29 57.47 12.32
N GLY B 46 8.90 57.97 13.50
CA GLY B 46 8.13 57.17 14.43
C GLY B 46 6.63 57.27 14.16
N VAL B 47 5.87 56.37 14.75
CA VAL B 47 4.42 56.35 14.57
C VAL B 47 3.78 56.80 15.90
N GLY B 48 4.60 56.84 16.94
CA GLY B 48 4.14 57.27 18.24
C GLY B 48 5.34 57.64 19.08
N LEU B 49 5.13 58.38 20.16
CA LEU B 49 6.21 58.79 21.05
C LEU B 49 5.63 59.17 22.40
N ALA B 50 6.22 58.66 23.47
CA ALA B 50 5.75 58.97 24.81
C ALA B 50 6.73 59.91 25.49
N ALA B 51 6.21 60.81 26.31
CA ALA B 51 7.03 61.79 27.02
C ALA B 51 8.25 61.18 27.70
N PRO B 52 8.09 60.02 28.36
CA PRO B 52 9.23 59.37 29.03
C PRO B 52 10.41 59.20 28.06
N GLN B 53 10.10 58.85 26.83
CA GLN B 53 11.14 58.64 25.83
C GLN B 53 12.02 59.87 25.63
N ILE B 54 11.53 61.05 25.99
CA ILE B 54 12.37 62.22 25.84
C ILE B 54 12.71 62.80 27.20
N GLY B 55 12.56 61.97 28.24
CA GLY B 55 12.90 62.38 29.58
C GLY B 55 11.85 62.99 30.49
N ILE B 56 10.60 63.01 30.05
CA ILE B 56 9.53 63.60 30.86
C ILE B 56 8.57 62.54 31.38
N LEU B 57 8.53 62.36 32.69
CA LEU B 57 7.65 61.37 33.27
C LEU B 57 6.22 61.86 33.44
N LYS B 58 5.56 62.15 32.32
CA LYS B 58 4.18 62.59 32.32
C LYS B 58 3.42 61.74 31.31
N GLN B 59 2.15 61.47 31.61
CA GLN B 59 1.32 60.65 30.75
C GLN B 59 0.87 61.39 29.49
N ILE B 60 1.86 61.66 28.64
CA ILE B 60 1.66 62.39 27.41
C ILE B 60 2.12 61.54 26.23
N VAL B 61 1.26 61.35 25.25
CA VAL B 61 1.60 60.56 24.09
C VAL B 61 1.14 61.24 22.81
N VAL B 62 1.93 61.13 21.76
CA VAL B 62 1.57 61.69 20.46
C VAL B 62 1.70 60.56 19.45
N VAL B 63 0.79 60.51 18.50
CA VAL B 63 0.81 59.51 17.44
C VAL B 63 0.61 60.21 16.11
N GLY B 64 0.91 59.52 15.01
CA GLY B 64 0.78 60.12 13.69
C GLY B 64 1.73 59.43 12.74
N SER B 65 1.21 58.92 11.62
CA SER B 65 2.04 58.19 10.66
C SER B 65 2.39 58.92 9.37
N GLU B 66 1.63 58.61 8.32
CA GLU B 66 1.83 59.18 6.98
C GLU B 66 2.89 58.37 6.22
N ASP B 67 2.46 57.28 5.58
CA ASP B 67 3.35 56.40 4.83
C ASP B 67 4.65 56.11 5.58
N ASN B 68 4.52 55.56 6.78
CA ASN B 68 5.68 55.25 7.60
C ASN B 68 6.62 54.24 6.94
N GLU B 69 7.91 54.58 6.91
CA GLU B 69 8.90 53.70 6.30
C GLU B 69 9.52 52.71 7.28
N ARG B 70 9.35 52.93 8.57
CA ARG B 70 9.90 52.01 9.56
C ARG B 70 8.99 50.79 9.75
N TYR B 71 7.72 50.96 9.39
CA TYR B 71 6.74 49.88 9.46
C TYR B 71 5.98 49.92 8.14
N PRO B 72 6.68 49.60 7.04
CA PRO B 72 6.25 49.57 5.64
C PRO B 72 4.79 49.27 5.29
N GLY B 73 4.26 48.14 5.72
CA GLY B 73 2.88 47.83 5.35
C GLY B 73 1.77 48.24 6.31
N THR B 74 1.99 49.30 7.09
CA THR B 74 0.99 49.73 8.05
C THR B 74 0.14 50.91 7.58
N PRO B 75 -1.13 50.94 8.03
CA PRO B 75 -2.07 52.02 7.67
C PRO B 75 -1.65 53.28 8.39
N ASP B 76 -1.91 54.42 7.78
CA ASP B 76 -1.55 55.68 8.42
C ASP B 76 -2.31 55.83 9.73
N VAL B 77 -1.73 56.58 10.65
CA VAL B 77 -2.34 56.84 11.94
C VAL B 77 -2.51 58.35 12.02
N PRO B 78 -3.77 58.82 12.13
CA PRO B 78 -3.98 60.28 12.21
C PRO B 78 -3.33 60.87 13.45
N GLU B 79 -2.78 62.07 13.29
CA GLU B 79 -2.13 62.73 14.41
C GLU B 79 -3.10 63.04 15.54
N ARG B 80 -2.71 62.69 16.75
CA ARG B 80 -3.52 62.94 17.92
C ARG B 80 -2.63 63.10 19.13
N ILE B 81 -3.18 63.73 20.15
CA ILE B 81 -2.47 63.94 21.40
C ILE B 81 -3.28 63.14 22.41
N ILE B 82 -2.63 62.17 23.03
CA ILE B 82 -3.28 61.28 23.99
C ILE B 82 -2.70 61.52 25.37
N LEU B 83 -3.55 62.00 26.27
CA LEU B 83 -3.12 62.31 27.63
C LEU B 83 -3.80 61.41 28.64
N ASN B 84 -3.08 61.09 29.71
CA ASN B 84 -3.60 60.25 30.79
C ASN B 84 -4.39 59.07 30.26
N PRO B 85 -3.86 58.35 29.24
CA PRO B 85 -4.60 57.21 28.70
C PRO B 85 -4.71 56.01 29.62
N VAL B 86 -5.83 55.31 29.53
CA VAL B 86 -6.06 54.11 30.31
C VAL B 86 -6.67 53.09 29.35
N ILE B 87 -5.95 51.99 29.14
CA ILE B 87 -6.38 50.95 28.22
C ILE B 87 -6.84 49.69 28.93
N THR B 88 -7.93 49.11 28.42
CA THR B 88 -8.47 47.88 28.95
C THR B 88 -8.74 46.95 27.76
N PRO B 89 -8.08 45.78 27.72
CA PRO B 89 -8.28 44.84 26.63
C PRO B 89 -9.74 44.40 26.58
N LEU B 90 -10.30 44.30 25.38
CA LEU B 90 -11.68 43.87 25.23
C LEU B 90 -11.72 42.46 24.68
N THR B 91 -10.54 41.90 24.37
CA THR B 91 -10.48 40.57 23.80
C THR B 91 -9.20 39.82 24.13
N LYS B 92 -9.23 38.49 23.98
CA LYS B 92 -8.06 37.66 24.20
C LYS B 92 -7.41 37.45 22.84
N ASP B 93 -8.10 37.85 21.78
CA ASP B 93 -7.56 37.71 20.43
C ASP B 93 -6.41 38.67 20.26
N THR B 94 -5.39 38.23 19.54
CA THR B 94 -4.22 39.05 19.30
C THR B 94 -3.84 38.99 17.83
N SER B 95 -3.15 40.02 17.36
CA SER B 95 -2.70 40.08 15.99
C SER B 95 -1.21 40.32 16.09
N GLY B 96 -0.43 39.25 16.11
CA GLY B 96 1.01 39.40 16.24
C GLY B 96 1.59 40.46 15.32
N PHE B 97 2.65 41.12 15.77
CA PHE B 97 3.27 42.15 14.98
C PHE B 97 4.74 42.29 15.39
N TRP B 98 5.61 42.56 14.43
CA TRP B 98 7.02 42.73 14.74
C TRP B 98 7.23 44.18 15.11
N GLU B 99 7.12 44.47 16.40
CA GLU B 99 7.28 45.81 16.91
C GLU B 99 8.71 46.33 16.98
N GLY B 100 8.81 47.65 16.94
CA GLY B 100 10.07 48.34 17.05
C GLY B 100 9.80 49.45 18.06
N CYS B 101 10.83 50.18 18.45
CA CYS B 101 10.66 51.26 19.42
C CYS B 101 11.81 52.23 19.25
N LEU B 102 11.49 53.52 19.22
CA LEU B 102 12.52 54.52 19.06
C LEU B 102 13.55 54.45 20.17
N SER B 103 13.18 53.84 21.30
CA SER B 103 14.09 53.69 22.42
C SER B 103 14.89 52.37 22.35
N VAL B 104 14.62 51.56 21.34
CA VAL B 104 15.33 50.30 21.15
C VAL B 104 15.69 50.29 19.68
N PRO B 105 16.54 51.26 19.26
CA PRO B 105 16.96 51.40 17.88
C PRO B 105 17.64 50.18 17.25
N GLY B 106 17.31 49.95 15.98
CA GLY B 106 17.91 48.86 15.23
C GLY B 106 17.34 47.47 15.43
N MET B 107 16.25 47.36 16.20
CA MET B 107 15.69 46.04 16.45
C MET B 107 14.19 45.92 16.25
N ARG B 108 13.72 44.67 16.19
CA ARG B 108 12.31 44.35 16.04
C ARG B 108 12.06 43.07 16.82
N GLY B 109 10.90 42.99 17.44
CA GLY B 109 10.56 41.81 18.22
C GLY B 109 9.10 41.50 17.99
N TYR B 110 8.77 40.22 17.92
CA TYR B 110 7.39 39.81 17.71
C TYR B 110 6.61 39.94 19.01
N VAL B 111 5.51 40.69 18.95
CA VAL B 111 4.66 40.91 20.12
C VAL B 111 3.20 40.66 19.78
N GLU B 112 2.50 39.97 20.67
CA GLU B 112 1.08 39.70 20.46
C GLU B 112 0.29 40.45 21.54
N ARG B 113 -0.48 41.43 21.10
CA ARG B 113 -1.28 42.23 22.02
C ARG B 113 -2.75 42.07 21.64
N PRO B 114 -3.65 42.31 22.59
CA PRO B 114 -5.10 42.19 22.29
C PRO B 114 -5.36 43.09 21.08
N ASN B 115 -6.14 42.63 20.11
CA ASN B 115 -6.38 43.46 18.93
C ASN B 115 -7.60 44.37 19.05
N GLN B 116 -8.26 44.32 20.20
CA GLN B 116 -9.41 45.17 20.44
C GLN B 116 -9.31 45.66 21.88
N ILE B 117 -9.29 46.97 22.05
CA ILE B 117 -9.15 47.57 23.38
C ILE B 117 -10.08 48.75 23.59
N ARG B 118 -10.23 49.12 24.86
CA ARG B 118 -10.99 50.30 25.21
C ARG B 118 -9.95 51.27 25.69
N MET B 119 -9.99 52.50 25.19
CA MET B 119 -9.05 53.49 25.68
C MET B 119 -9.78 54.73 26.12
N GLN B 120 -9.44 55.18 27.32
CA GLN B 120 -10.01 56.38 27.89
C GLN B 120 -8.85 57.37 27.86
N TRP B 121 -9.10 58.58 27.38
CA TRP B 121 -8.02 59.56 27.36
C TRP B 121 -8.53 60.98 27.23
N MET B 122 -7.60 61.91 27.29
CA MET B 122 -7.92 63.32 27.20
C MET B 122 -7.00 63.93 26.16
N ASP B 123 -7.52 64.85 25.34
CA ASP B 123 -6.66 65.47 24.34
C ASP B 123 -6.08 66.78 24.82
N GLU B 124 -5.39 67.48 23.93
CA GLU B 124 -4.75 68.75 24.27
C GLU B 124 -5.72 69.85 24.67
N LYS B 125 -7.00 69.68 24.35
CA LYS B 125 -8.00 70.69 24.70
C LYS B 125 -8.75 70.30 25.97
N GLY B 126 -8.37 69.18 26.58
CA GLY B 126 -9.02 68.73 27.80
C GLY B 126 -10.27 67.92 27.56
N ASN B 127 -10.51 67.53 26.31
CA ASN B 127 -11.68 66.74 25.98
C ASN B 127 -11.44 65.28 26.38
N GLN B 128 -12.46 64.65 26.95
CA GLN B 128 -12.37 63.26 27.39
C GLN B 128 -12.95 62.30 26.36
N PHE B 129 -12.24 61.21 26.11
CA PHE B 129 -12.70 60.20 25.17
C PHE B 129 -12.72 58.83 25.81
N ASP B 130 -13.59 57.97 25.28
CA ASP B 130 -13.72 56.62 25.79
C ASP B 130 -14.18 55.81 24.59
N GLU B 131 -13.21 55.34 23.81
CA GLU B 131 -13.52 54.58 22.61
C GLU B 131 -12.94 53.19 22.51
N THR B 132 -13.53 52.42 21.61
CA THR B 132 -13.07 51.08 21.32
C THR B 132 -12.10 51.26 20.16
N ILE B 133 -10.93 50.66 20.29
CA ILE B 133 -9.91 50.78 19.26
C ILE B 133 -9.40 49.39 18.86
N ASP B 134 -9.16 49.20 17.57
CA ASP B 134 -8.67 47.92 17.09
C ASP B 134 -7.63 48.13 16.00
N GLY B 135 -7.22 47.03 15.37
CA GLY B 135 -6.24 47.12 14.31
C GLY B 135 -4.88 47.61 14.74
N TYR B 136 -4.14 48.15 13.78
CA TYR B 136 -2.80 48.66 14.00
C TYR B 136 -2.77 49.73 15.09
N LYS B 137 -3.76 50.62 15.04
CA LYS B 137 -3.86 51.71 15.99
C LYS B 137 -3.87 51.17 17.43
N ALA B 138 -4.59 50.07 17.63
CA ALA B 138 -4.67 49.47 18.97
C ALA B 138 -3.29 49.00 19.43
N ILE B 139 -2.48 48.53 18.48
CA ILE B 139 -1.14 48.08 18.82
C ILE B 139 -0.32 49.30 19.22
N VAL B 140 -0.36 50.33 18.39
CA VAL B 140 0.38 51.56 18.66
C VAL B 140 0.07 52.16 20.04
N TYR B 141 -1.22 52.25 20.36
CA TYR B 141 -1.65 52.82 21.62
C TYR B 141 -1.17 52.01 22.81
N GLN B 142 -1.32 50.69 22.74
CA GLN B 142 -0.86 49.85 23.84
C GLN B 142 0.65 50.04 24.00
N HIS B 143 1.36 50.06 22.88
CA HIS B 143 2.81 50.25 22.93
C HIS B 143 3.15 51.58 23.59
N GLU B 144 2.51 52.67 23.14
CA GLU B 144 2.77 53.98 23.69
C GLU B 144 2.38 54.11 25.16
N CYS B 145 1.24 53.54 25.53
CA CYS B 145 0.81 53.62 26.91
C CYS B 145 1.73 52.81 27.81
N ASP B 146 2.28 51.71 27.28
CA ASP B 146 3.20 50.89 28.07
C ASP B 146 4.34 51.78 28.55
N HIS B 147 4.79 52.67 27.67
CA HIS B 147 5.87 53.59 28.03
C HIS B 147 5.56 54.39 29.29
N LEU B 148 4.30 54.74 29.48
CA LEU B 148 3.89 55.53 30.64
C LEU B 148 3.91 54.70 31.91
N GLN B 149 3.96 53.39 31.75
CA GLN B 149 4.01 52.47 32.87
C GLN B 149 5.42 51.90 33.02
N GLY B 150 6.37 52.50 32.32
CA GLY B 150 7.75 52.04 32.38
C GLY B 150 7.95 50.69 31.71
N ILE B 151 7.10 50.39 30.73
CA ILE B 151 7.16 49.12 30.02
C ILE B 151 7.62 49.29 28.57
N LEU B 152 8.55 48.43 28.16
CA LEU B 152 9.07 48.44 26.80
C LEU B 152 8.60 47.16 26.12
N TYR B 153 8.53 47.16 24.79
CA TYR B 153 8.04 45.97 24.11
C TYR B 153 8.90 44.72 24.34
N VAL B 154 10.18 44.91 24.68
CA VAL B 154 11.03 43.75 24.94
C VAL B 154 10.50 42.99 26.14
N ASP B 155 9.72 43.66 27.00
CA ASP B 155 9.16 43.01 28.18
C ASP B 155 7.97 42.15 27.79
N ARG B 156 7.47 42.32 26.58
CA ARG B 156 6.32 41.55 26.13
C ARG B 156 6.61 40.63 24.94
N LEU B 157 7.89 40.36 24.69
CA LEU B 157 8.25 39.50 23.57
C LEU B 157 7.57 38.14 23.71
N LYS B 158 7.00 37.66 22.62
CA LYS B 158 6.36 36.35 22.68
C LYS B 158 7.42 35.28 22.86
N ASP B 159 8.60 35.51 22.25
CA ASP B 159 9.70 34.56 22.29
C ASP B 159 11.00 35.27 21.97
N THR B 160 11.98 35.19 22.86
CA THR B 160 13.26 35.85 22.62
C THR B 160 13.91 35.42 21.31
N LYS B 161 13.45 34.29 20.75
CA LYS B 161 13.98 33.80 19.47
C LYS B 161 13.42 34.67 18.35
N LEU B 162 12.26 35.26 18.57
CA LEU B 162 11.62 36.13 17.57
C LEU B 162 11.97 37.55 17.97
N PHE B 163 13.26 37.85 17.89
CA PHE B 163 13.77 39.15 18.29
C PHE B 163 15.14 39.30 17.63
N GLY B 164 15.44 40.49 17.10
CA GLY B 164 16.73 40.67 16.47
C GLY B 164 16.98 42.02 15.84
N PHE B 165 18.10 42.14 15.14
CA PHE B 165 18.46 43.39 14.49
C PHE B 165 17.81 43.47 13.12
N ASN B 166 17.33 44.65 12.79
CA ASN B 166 16.64 44.92 11.54
C ASN B 166 17.31 44.33 10.30
N GLU B 167 18.54 44.76 10.04
CA GLU B 167 19.27 44.29 8.87
C GLU B 167 19.29 42.77 8.75
N THR B 168 19.55 42.08 9.85
CA THR B 168 19.59 40.63 9.82
C THR B 168 18.19 40.02 9.72
N LEU B 169 17.22 40.62 10.40
CA LEU B 169 15.84 40.11 10.35
C LEU B 169 15.28 40.21 8.93
N ASP B 170 15.76 41.21 8.19
CA ASP B 170 15.33 41.40 6.82
C ASP B 170 15.97 40.28 5.98
N SER B 171 16.93 39.59 6.60
CA SER B 171 17.65 38.49 5.97
C SER B 171 18.51 38.99 4.82
ZN ZN C . -0.90 -57.36 -24.33
C TRS D . 0.64 -56.86 -33.17
C1 TRS D . 1.07 -56.32 -34.58
C2 TRS D . 1.58 -57.79 -32.82
C3 TRS D . -0.75 -57.46 -33.30
N TRS D . 0.66 -55.74 -32.20
O1 TRS D . 0.28 -55.39 -35.12
O2 TRS D . 1.42 -58.43 -31.58
O3 TRS D . -1.03 -58.54 -34.17
C TRS E . -16.14 -56.31 -2.27
C1 TRS E . -17.21 -56.51 -1.17
C2 TRS E . -16.47 -55.08 -2.88
C3 TRS E . -16.25 -57.51 -3.18
N TRS E . -14.81 -56.25 -1.63
O1 TRS E . -17.10 -57.62 -0.44
O2 TRS E . -15.65 -54.63 -3.95
O3 TRS E . -17.40 -57.82 -3.92
C TRS F . -8.32 -51.80 -5.89
C1 TRS F . -6.86 -51.94 -5.38
C2 TRS F . -8.48 -50.41 -6.09
C3 TRS F . -9.24 -52.37 -4.80
N TRS F . -8.48 -52.56 -7.14
O1 TRS F . -6.45 -53.17 -5.12
O2 TRS F . -9.73 -49.95 -6.56
O3 TRS F . -9.32 -51.85 -3.50
C FMT G . -9.10 -61.98 -38.34
O1 FMT G . -8.81 -63.14 -38.74
O2 FMT G . -8.27 -61.12 -37.70
C FMT H . -14.07 -67.81 -34.83
O1 FMT H . -14.94 -68.65 -34.94
O2 FMT H . -13.61 -67.05 -35.81
C FMT I . -16.73 -56.70 -29.30
O1 FMT I . -17.36 -56.55 -28.27
O2 FMT I . -16.09 -55.77 -29.96
C FMT J . -0.50 -54.56 -24.91
O1 FMT J . -0.03 -55.41 -25.63
O2 FMT J . -1.39 -54.75 -23.97
C FMT K . -2.35 -53.86 -27.90
O1 FMT K . -2.89 -52.98 -28.51
O2 FMT K . -2.49 -55.15 -28.11
ZN ZN L . 8.32 52.82 21.93
C FMT M . -8.96 57.08 17.80
O1 FMT M . -9.86 56.69 17.09
O2 FMT M . -7.68 56.85 17.60
C FMT N . 10.24 40.59 9.89
O1 FMT N . 10.46 41.60 10.52
O2 FMT N . 10.92 39.46 9.96
C FMT O . 6.13 34.80 13.54
O1 FMT O . 5.06 34.27 13.78
O2 FMT O . 6.36 35.65 12.57
C FMT P . 10.96 64.49 34.71
O1 FMT P . 9.85 64.31 34.24
O2 FMT P . 11.54 63.77 35.65
C FMT Q . 7.67 54.65 20.11
O1 FMT Q . 8.88 54.64 20.12
O2 FMT Q . 6.88 54.72 21.15
C FMT R . 8.23 53.50 16.61
O1 FMT R . 7.43 54.40 16.48
O2 FMT R . 8.20 52.53 17.50
C FMT S . -3.93 57.10 36.00
O1 FMT S . -4.37 56.97 34.87
O2 FMT S . -2.67 57.41 36.33
#